data_3RX2
#
_entry.id   3RX2
#
_cell.length_a   47.187
_cell.length_b   67.081
_cell.length_c   49.357
_cell.angle_alpha   90.00
_cell.angle_beta   91.94
_cell.angle_gamma   90.00
#
_symmetry.space_group_name_H-M   'P 1 21 1'
#
loop_
_entity.id
_entity.type
_entity.pdbx_description
1 polymer 'Aldose reductase'
2 non-polymer 'NADP NICOTINAMIDE-ADENINE-DINUCLEOTIDE PHOSPHATE'
3 non-polymer '2-[(3Z)-6-fluoranyl-2-methyl-3-[(4-methylsulfonylphenyl)methylidene]inden-1-yl]ethanoic acid'
4 water water
#
_entity_poly.entity_id   1
_entity_poly.type   'polypeptide(L)'
_entity_poly.pdbx_seq_one_letter_code
;MGSSHHHHHHSSGLVPRGSHMASRLLLNNGAKMPILGLGTWKSPPGQVTEAVKVAIDVGYRHIDCAHVYQNENEVGVAIQ
EKLREQVVKREELFIVSKLWCTYHEKGLVKGACQKTLSDLKLDYLDLYLIHWPTGFKPGKEFFPLDESGNVVPSDTNILD
TWAAMEELVDEGLVKAIGISNFNHLQVEMILNKPGLKYKPAVNQIECHPYLTQEKLIQYCQSKGIVVTAYSPLGSPDRPW
AKPEDPSLLEDPRIKAIAAKHNKTTAQVLIRFPMQRNLVVIPKSVTPERIAENFKVFDFELSSQDMTTLLSYNRNWRVCA
LLSCTSHKDYPFHEEF
;
_entity_poly.pdbx_strand_id   A
#
loop_
_chem_comp.id
_chem_comp.type
_chem_comp.name
_chem_comp.formula
NAP non-polymer 'NADP NICOTINAMIDE-ADENINE-DINUCLEOTIDE PHOSPHATE' 'C21 H28 N7 O17 P3'
SLO non-polymer '2-[(3Z)-6-fluoranyl-2-methyl-3-[(4-methylsulfonylphenyl)methylidene]inden-1-yl]ethanoic acid' 'C20 H17 F O4 S'
#
# COMPACT_ATOMS: atom_id res chain seq x y z
N SER A 19 -17.37 4.56 17.24
CA SER A 19 -17.39 5.25 15.96
C SER A 19 -17.99 4.35 14.88
N HIS A 20 -18.70 3.30 15.31
CA HIS A 20 -19.22 2.29 14.39
C HIS A 20 -18.14 1.91 13.38
N MET A 21 -17.05 1.30 13.86
CA MET A 21 -15.93 0.93 12.99
C MET A 21 -15.09 -0.21 13.56
N ALA A 22 -15.25 -1.38 12.96
CA ALA A 22 -14.46 -2.56 13.32
C ALA A 22 -13.01 -2.35 12.86
N SER A 23 -12.07 -3.01 13.55
CA SER A 23 -10.66 -2.76 13.27
C SER A 23 -10.15 -3.54 12.05
N ARG A 24 -10.85 -4.59 11.64
CA ARG A 24 -10.39 -5.46 10.57
C ARG A 24 -11.52 -5.75 9.58
N LEU A 25 -11.18 -6.00 8.32
CA LEU A 25 -12.20 -6.48 7.39
C LEU A 25 -11.83 -7.83 6.82
N LEU A 26 -12.77 -8.46 6.14
CA LEU A 26 -12.57 -9.82 5.66
C LEU A 26 -12.08 -9.82 4.22
N LEU A 27 -10.98 -10.52 3.97
CA LEU A 27 -10.45 -10.69 2.62
C LEU A 27 -11.07 -11.93 1.99
N ASN A 28 -10.96 -12.02 0.66
CA ASN A 28 -11.52 -13.14 -0.08
C ASN A 28 -10.68 -14.42 0.03
N ASN A 29 -9.65 -14.39 0.86
CA ASN A 29 -8.89 -15.60 1.18
C ASN A 29 -9.33 -16.14 2.53
N GLY A 30 -10.31 -15.47 3.14
CA GLY A 30 -10.84 -15.89 4.42
C GLY A 30 -10.13 -15.31 5.64
N ALA A 31 -9.14 -14.44 5.42
CA ALA A 31 -8.39 -13.88 6.54
C ALA A 31 -8.82 -12.44 6.80
N LYS A 32 -8.57 -11.95 8.01
CA LYS A 32 -8.95 -10.58 8.36
C LYS A 32 -7.72 -9.67 8.30
N MET A 33 -7.94 -8.44 7.83
CA MET A 33 -6.86 -7.48 7.63
C MET A 33 -7.20 -6.21 8.37
N PRO A 34 -6.26 -5.73 9.21
CA PRO A 34 -6.47 -4.48 9.93
C PRO A 34 -6.61 -3.32 8.96
N ILE A 35 -7.65 -2.51 9.13
CA ILE A 35 -7.93 -1.45 8.17
C ILE A 35 -6.99 -0.24 8.32
N LEU A 36 -6.22 -0.22 9.40
CA LEU A 36 -5.22 0.83 9.57
C LEU A 36 -3.85 0.18 9.67
N GLY A 37 -2.92 0.58 8.79
CA GLY A 37 -1.56 0.09 8.88
C GLY A 37 -0.57 1.24 8.93
N LEU A 38 0.68 0.94 9.28
CA LEU A 38 1.75 1.92 9.23
C LEU A 38 2.51 1.81 7.90
N GLY A 39 2.63 2.92 7.19
CA GLY A 39 3.45 2.96 5.99
C GLY A 39 4.93 3.13 6.31
N THR A 40 5.80 2.64 5.43
CA THR A 40 7.23 2.70 5.70
C THR A 40 8.09 3.23 4.53
N TRP A 41 7.43 3.68 3.47
CA TRP A 41 8.18 4.28 2.36
C TRP A 41 8.77 5.62 2.81
N LYS A 42 10.08 5.78 2.65
CA LYS A 42 10.79 7.01 3.03
C LYS A 42 11.19 7.06 4.51
N SER A 43 10.81 6.06 5.28
CA SER A 43 11.18 6.01 6.70
C SER A 43 12.64 5.62 6.82
N PRO A 44 13.48 6.54 7.31
CA PRO A 44 14.93 6.27 7.28
C PRO A 44 15.30 5.01 8.07
N PRO A 45 16.31 4.26 7.60
CA PRO A 45 16.64 2.99 8.25
C PRO A 45 17.03 3.17 9.72
N GLY A 46 17.55 4.33 10.07
CA GLY A 46 17.92 4.62 11.46
C GLY A 46 16.77 5.09 12.33
N GLN A 47 15.58 5.23 11.74
CA GLN A 47 14.42 5.71 12.48
C GLN A 47 13.24 4.75 12.42
N VAL A 48 13.24 3.87 11.42
CA VAL A 48 12.06 3.04 11.18
C VAL A 48 11.92 1.90 12.21
N THR A 49 13.04 1.45 12.79
CA THR A 49 12.93 0.43 13.83
C THR A 49 12.14 0.98 15.04
N GLU A 50 12.55 2.15 15.53
CA GLU A 50 11.80 2.83 16.59
C GLU A 50 10.35 3.12 16.18
N ALA A 51 10.16 3.55 14.93
CA ALA A 51 8.82 3.91 14.47
C ALA A 51 7.89 2.70 14.55
N VAL A 52 8.37 1.56 14.08
CA VAL A 52 7.56 0.34 14.07
C VAL A 52 7.27 -0.17 15.49
N LYS A 53 8.27 -0.09 16.37
CA LYS A 53 8.07 -0.46 17.78
C LYS A 53 6.98 0.36 18.46
N VAL A 54 7.06 1.68 18.31
CA VAL A 54 6.06 2.60 18.83
C VAL A 54 4.69 2.28 18.25
N ALA A 55 4.64 2.06 16.94
CA ALA A 55 3.40 1.72 16.28
C ALA A 55 2.75 0.49 16.92
N ILE A 56 3.50 -0.58 17.07
CA ILE A 56 2.94 -1.79 17.68
C ILE A 56 2.53 -1.51 19.14
N ASP A 57 3.35 -0.77 19.87
CA ASP A 57 3.02 -0.42 21.25
C ASP A 57 1.70 0.33 21.37
N VAL A 58 1.40 1.19 20.39
CA VAL A 58 0.18 2.01 20.48
C VAL A 58 -1.00 1.43 19.72
N GLY A 59 -0.83 0.24 19.16
CA GLY A 59 -1.96 -0.51 18.65
C GLY A 59 -1.94 -0.96 17.19
N TYR A 60 -0.99 -0.48 16.40
CA TYR A 60 -0.93 -0.91 15.00
C TYR A 60 -0.62 -2.39 14.94
N ARG A 61 -1.27 -3.09 14.01
CA ARG A 61 -1.02 -4.52 13.84
C ARG A 61 -0.71 -4.85 12.39
N HIS A 62 -0.71 -3.82 11.56
CA HIS A 62 -0.49 -3.97 10.13
C HIS A 62 0.61 -2.98 9.73
N ILE A 63 1.66 -3.51 9.09
CA ILE A 63 2.78 -2.71 8.61
C ILE A 63 2.89 -2.93 7.12
N ASP A 64 2.98 -1.82 6.37
CA ASP A 64 3.16 -1.91 4.91
C ASP A 64 4.63 -1.70 4.54
N CYS A 65 5.21 -2.70 3.88
CA CYS A 65 6.63 -2.74 3.53
C CYS A 65 6.86 -2.95 2.03
N ALA A 66 8.11 -2.78 1.60
CA ALA A 66 8.51 -3.16 0.25
C ALA A 66 10.02 -3.30 0.18
N HIS A 67 10.50 -4.25 -0.61
CA HIS A 67 11.95 -4.43 -0.81
C HIS A 67 12.57 -3.15 -1.35
N VAL A 68 11.82 -2.46 -2.21
CA VAL A 68 12.35 -1.28 -2.89
C VAL A 68 12.54 -0.12 -1.92
N TYR A 69 11.89 -0.17 -0.75
CA TYR A 69 12.04 0.90 0.24
C TYR A 69 13.39 0.82 0.95
N GLN A 70 14.05 -0.33 0.80
CA GLN A 70 15.41 -0.54 1.29
C GLN A 70 15.56 -0.51 2.82
N ASN A 71 14.46 -0.74 3.53
CA ASN A 71 14.52 -0.66 4.98
C ASN A 71 13.82 -1.83 5.66
N GLU A 72 13.62 -2.92 4.91
CA GLU A 72 12.93 -4.08 5.48
C GLU A 72 13.71 -4.73 6.61
N ASN A 73 15.04 -4.73 6.53
CA ASN A 73 15.83 -5.30 7.62
C ASN A 73 15.50 -4.62 8.95
N GLU A 74 15.47 -3.30 8.90
CA GLU A 74 15.27 -2.49 10.08
C GLU A 74 13.82 -2.57 10.57
N VAL A 75 12.87 -2.65 9.63
CA VAL A 75 11.50 -2.92 10.01
C VAL A 75 11.41 -4.28 10.72
N GLY A 76 12.10 -5.29 10.17
CA GLY A 76 12.12 -6.62 10.73
C GLY A 76 12.66 -6.66 12.16
N VAL A 77 13.69 -5.86 12.44
CA VAL A 77 14.21 -5.78 13.80
C VAL A 77 13.11 -5.39 14.80
N ALA A 78 12.29 -4.41 14.42
CA ALA A 78 11.20 -3.96 15.29
C ALA A 78 10.18 -5.08 15.52
N ILE A 79 9.76 -5.73 14.45
CA ILE A 79 8.74 -6.77 14.53
C ILE A 79 9.26 -7.89 15.43
N GLN A 80 10.49 -8.33 15.17
CA GLN A 80 11.09 -9.42 15.91
C GLN A 80 11.20 -9.10 17.40
N GLU A 81 11.63 -7.89 17.72
CA GLU A 81 11.74 -7.50 19.12
C GLU A 81 10.39 -7.51 19.83
N LYS A 82 9.34 -7.04 19.16
CA LYS A 82 8.01 -7.02 19.77
C LYS A 82 7.43 -8.42 19.91
N LEU A 83 7.80 -9.33 19.01
CA LEU A 83 7.40 -10.73 19.12
C LEU A 83 8.14 -11.37 20.29
N ARG A 84 9.45 -11.14 20.35
CA ARG A 84 10.28 -11.69 21.42
C ARG A 84 9.86 -11.17 22.79
N GLU A 85 9.49 -9.89 22.86
CA GLU A 85 9.01 -9.27 24.11
C GLU A 85 7.58 -9.67 24.45
N GLN A 86 6.95 -10.43 23.56
CA GLN A 86 5.55 -10.86 23.72
C GLN A 86 4.55 -9.72 23.90
N VAL A 87 4.81 -8.60 23.21
CA VAL A 87 3.89 -7.48 23.14
C VAL A 87 2.76 -7.88 22.21
N VAL A 88 3.09 -8.76 21.27
CA VAL A 88 2.14 -9.22 20.27
CA VAL A 88 2.14 -9.22 20.27
CA VAL A 88 2.12 -9.24 20.28
C VAL A 88 2.52 -10.62 19.80
N LYS A 89 1.53 -11.39 19.33
CA LYS A 89 1.79 -12.71 18.72
C LYS A 89 1.85 -12.54 17.20
N ARG A 90 2.59 -13.42 16.52
CA ARG A 90 2.68 -13.37 15.06
C ARG A 90 1.30 -13.39 14.38
N GLU A 91 0.39 -14.19 14.94
CA GLU A 91 -0.96 -14.33 14.38
C GLU A 91 -1.73 -13.01 14.41
N GLU A 92 -1.35 -12.12 15.31
CA GLU A 92 -2.03 -10.83 15.47
C GLU A 92 -1.48 -9.76 14.54
N LEU A 93 -0.35 -10.04 13.90
CA LEU A 93 0.25 -9.10 12.99
C LEU A 93 -0.19 -9.39 11.57
N PHE A 94 -0.25 -8.34 10.76
CA PHE A 94 -0.56 -8.49 9.35
C PHE A 94 0.54 -7.75 8.60
N ILE A 95 1.53 -8.49 8.12
CA ILE A 95 2.68 -7.86 7.48
C ILE A 95 2.54 -7.95 5.96
N VAL A 96 2.67 -6.79 5.30
CA VAL A 96 2.54 -6.71 3.86
C VAL A 96 3.86 -6.31 3.23
N SER A 97 4.24 -6.96 2.13
CA SER A 97 5.34 -6.47 1.31
C SER A 97 4.98 -6.60 -0.16
N LYS A 98 5.93 -6.27 -1.03
CA LYS A 98 5.64 -6.14 -2.44
C LYS A 98 6.82 -6.59 -3.28
N LEU A 99 6.48 -7.26 -4.38
CA LEU A 99 7.45 -7.76 -5.35
C LEU A 99 7.89 -6.61 -6.26
N TRP A 100 9.17 -6.26 -6.23
CA TRP A 100 9.61 -5.16 -7.07
C TRP A 100 9.64 -5.54 -8.58
N CYS A 101 9.63 -4.52 -9.43
CA CYS A 101 9.43 -4.65 -10.86
C CYS A 101 10.52 -5.44 -11.60
N THR A 102 11.73 -5.48 -11.03
CA THR A 102 12.85 -6.16 -11.66
C THR A 102 12.86 -7.66 -11.33
N TYR A 103 11.80 -8.12 -10.65
CA TYR A 103 11.68 -9.53 -10.28
C TYR A 103 10.41 -10.19 -10.83
N HIS A 104 9.85 -9.64 -11.90
CA HIS A 104 8.61 -10.20 -12.46
C HIS A 104 8.78 -11.57 -13.11
N GLU A 105 10.00 -11.88 -13.54
CA GLU A 105 10.28 -13.19 -14.16
C GLU A 105 9.96 -14.35 -13.22
N LYS A 106 9.27 -15.34 -13.76
CA LYS A 106 8.87 -16.54 -13.02
C LYS A 106 9.95 -17.07 -12.09
N GLY A 107 11.18 -17.12 -12.59
CA GLY A 107 12.28 -17.73 -11.84
C GLY A 107 12.90 -16.82 -10.80
N LEU A 108 12.40 -15.59 -10.67
CA LEU A 108 12.95 -14.62 -9.72
C LEU A 108 12.02 -14.34 -8.55
N VAL A 109 10.75 -14.70 -8.70
CA VAL A 109 9.72 -14.33 -7.74
C VAL A 109 9.93 -14.96 -6.37
N LYS A 110 10.13 -16.27 -6.30
CA LYS A 110 10.35 -16.92 -5.01
C LYS A 110 11.51 -16.29 -4.25
N GLY A 111 12.65 -16.11 -4.93
CA GLY A 111 13.81 -15.53 -4.28
C GLY A 111 13.60 -14.12 -3.76
N ALA A 112 12.85 -13.31 -4.52
CA ALA A 112 12.55 -11.94 -4.11
C ALA A 112 11.69 -11.98 -2.86
N CYS A 113 10.73 -12.90 -2.85
CA CYS A 113 9.89 -13.07 -1.68
C CYS A 113 10.71 -13.54 -0.47
N GLN A 114 11.59 -14.52 -0.70
CA GLN A 114 12.41 -15.07 0.39
C GLN A 114 13.39 -14.04 0.96
N LYS A 115 13.89 -13.15 0.11
CA LYS A 115 14.77 -12.07 0.59
C LYS A 115 13.99 -11.15 1.53
N THR A 116 12.78 -10.79 1.13
CA THR A 116 11.89 -9.99 1.98
C THR A 116 11.59 -10.71 3.30
N LEU A 117 11.26 -11.99 3.22
CA LEU A 117 10.95 -12.78 4.41
C LEU A 117 12.15 -12.79 5.36
N SER A 118 13.34 -12.96 4.78
CA SER A 118 14.57 -13.03 5.55
C SER A 118 14.89 -11.70 6.21
N ASP A 119 14.75 -10.61 5.44
CA ASP A 119 14.96 -9.26 5.98
C ASP A 119 13.96 -8.92 7.10
N LEU A 120 12.69 -9.28 6.88
CA LEU A 120 11.64 -8.94 7.85
C LEU A 120 11.67 -9.90 9.05
N LYS A 121 12.46 -10.96 8.91
CA LYS A 121 12.61 -12.01 9.90
C LYS A 121 11.33 -12.79 10.19
N LEU A 122 10.61 -13.09 9.11
CA LEU A 122 9.33 -13.75 9.18
C LEU A 122 9.38 -15.07 8.41
N ASP A 123 8.49 -16.00 8.73
CA ASP A 123 8.44 -17.21 7.92
CA ASP A 123 8.37 -17.26 8.01
C ASP A 123 7.30 -17.19 6.92
N TYR A 124 6.42 -16.18 7.03
CA TYR A 124 5.39 -15.96 6.01
C TYR A 124 5.02 -14.48 5.97
N LEU A 125 4.46 -14.05 4.84
CA LEU A 125 3.81 -12.73 4.75
C LEU A 125 2.30 -12.91 4.81
N ASP A 126 1.59 -11.96 5.41
CA ASP A 126 0.14 -12.05 5.38
C ASP A 126 -0.41 -11.68 4.02
N LEU A 127 0.34 -10.80 3.33
CA LEU A 127 -0.06 -10.31 2.01
C LEU A 127 1.18 -9.94 1.21
N TYR A 128 1.26 -10.45 -0.01
CA TYR A 128 2.32 -10.09 -0.94
C TYR A 128 1.70 -9.55 -2.21
N LEU A 129 2.11 -8.34 -2.60
CA LEU A 129 1.54 -7.63 -3.75
C LEU A 129 2.53 -7.51 -4.89
N ILE A 130 2.02 -7.57 -6.12
CA ILE A 130 2.82 -7.11 -7.24
C ILE A 130 2.84 -5.60 -7.17
N HIS A 131 4.02 -5.03 -6.94
CA HIS A 131 4.14 -3.60 -6.59
C HIS A 131 3.63 -2.68 -7.71
N TRP A 132 3.97 -3.00 -8.95
CA TRP A 132 3.48 -2.32 -10.15
C TRP A 132 3.22 -3.37 -11.24
N PRO A 133 2.26 -3.09 -12.16
CA PRO A 133 2.03 -4.01 -13.28
C PRO A 133 3.22 -4.09 -14.25
N THR A 134 4.12 -3.12 -14.15
CA THR A 134 5.23 -3.01 -15.08
C THR A 134 6.45 -3.82 -14.65
N GLY A 135 6.88 -4.75 -15.50
CA GLY A 135 8.11 -5.50 -15.28
C GLY A 135 9.31 -4.80 -15.89
N PHE A 136 10.43 -4.78 -15.17
CA PHE A 136 11.67 -4.17 -15.67
C PHE A 136 12.73 -5.25 -15.83
N LYS A 137 13.73 -4.97 -16.67
CA LYS A 137 14.88 -5.86 -16.83
C LYS A 137 15.53 -6.18 -15.49
N PRO A 138 15.81 -7.47 -15.23
CA PRO A 138 16.40 -7.88 -13.95
C PRO A 138 17.83 -7.39 -13.84
N GLY A 139 18.29 -7.16 -12.62
CA GLY A 139 19.63 -6.65 -12.40
C GLY A 139 19.72 -6.01 -11.04
N LYS A 140 20.84 -5.36 -10.75
CA LYS A 140 21.02 -4.73 -9.45
C LYS A 140 20.21 -3.43 -9.35
N GLU A 141 20.01 -2.77 -10.49
CA GLU A 141 19.32 -1.47 -10.49
C GLU A 141 17.81 -1.63 -10.42
N PHE A 142 17.18 -0.90 -9.50
CA PHE A 142 15.73 -0.94 -9.35
C PHE A 142 15.03 -0.29 -10.55
N PHE A 143 15.69 0.70 -11.14
CA PHE A 143 15.16 1.35 -12.32
C PHE A 143 16.23 1.35 -13.41
N PRO A 144 16.35 0.23 -14.14
CA PRO A 144 17.34 0.13 -15.21
C PRO A 144 16.96 1.06 -16.36
N LEU A 145 17.85 1.96 -16.74
CA LEU A 145 17.53 2.91 -17.79
C LEU A 145 18.41 2.66 -19.01
N ASP A 146 17.91 3.01 -20.19
CA ASP A 146 18.72 2.86 -21.40
C ASP A 146 19.67 4.04 -21.52
N GLU A 147 20.44 4.09 -22.60
CA GLU A 147 21.36 5.17 -22.86
C GLU A 147 20.69 6.54 -22.96
N SER A 148 19.35 6.55 -22.97
N SER A 148 19.35 6.55 -23.00
CA SER A 148 18.61 7.79 -23.13
CA SER A 148 18.58 7.78 -23.13
C SER A 148 17.62 8.03 -21.99
C SER A 148 17.73 8.10 -21.91
N GLY A 149 17.64 7.15 -20.98
CA GLY A 149 16.87 7.38 -19.77
C GLY A 149 15.52 6.72 -19.58
N ASN A 150 15.00 6.02 -20.59
CA ASN A 150 13.74 5.28 -20.44
C ASN A 150 13.97 4.02 -19.61
N VAL A 151 12.95 3.53 -18.91
CA VAL A 151 13.12 2.28 -18.16
C VAL A 151 13.16 1.13 -19.14
N VAL A 152 14.10 0.21 -18.93
CA VAL A 152 14.19 -0.98 -19.77
C VAL A 152 13.19 -2.03 -19.28
N PRO A 153 12.15 -2.33 -20.09
CA PRO A 153 11.12 -3.32 -19.72
C PRO A 153 11.66 -4.75 -19.70
N SER A 154 10.94 -5.63 -19.03
CA SER A 154 11.13 -7.06 -19.18
C SER A 154 9.99 -7.58 -20.03
N ASP A 155 10.21 -8.69 -20.72
CA ASP A 155 9.19 -9.22 -21.61
CA ASP A 155 9.21 -9.26 -21.62
C ASP A 155 8.17 -10.09 -20.87
N THR A 156 8.10 -9.91 -19.55
CA THR A 156 7.14 -10.64 -18.74
C THR A 156 5.78 -9.97 -18.81
N ASN A 157 4.73 -10.76 -18.67
CA ASN A 157 3.39 -10.17 -18.61
C ASN A 157 2.75 -10.42 -17.25
N ILE A 158 1.75 -9.63 -16.92
CA ILE A 158 1.15 -9.70 -15.59
C ILE A 158 0.54 -11.08 -15.30
N LEU A 159 0.11 -11.81 -16.32
CA LEU A 159 -0.53 -13.12 -16.05
C LEU A 159 0.44 -14.19 -15.60
N ASP A 160 1.63 -14.24 -16.20
CA ASP A 160 2.61 -15.23 -15.78
C ASP A 160 3.19 -14.80 -14.43
N THR A 161 3.30 -13.49 -14.22
CA THR A 161 3.73 -13.00 -12.90
C THR A 161 2.71 -13.43 -11.83
N TRP A 162 1.43 -13.30 -12.17
CA TRP A 162 0.38 -13.73 -11.25
C TRP A 162 0.46 -15.21 -10.90
N ALA A 163 0.67 -16.04 -11.91
CA ALA A 163 0.86 -17.48 -11.68
C ALA A 163 2.03 -17.74 -10.74
N ALA A 164 3.09 -16.95 -10.84
CA ALA A 164 4.22 -17.10 -9.91
C ALA A 164 3.84 -16.71 -8.49
N MET A 165 2.97 -15.71 -8.37
CA MET A 165 2.48 -15.28 -7.06
C MET A 165 1.61 -16.37 -6.44
N GLU A 166 0.76 -17.00 -7.26
CA GLU A 166 -0.09 -18.08 -6.79
C GLU A 166 0.75 -19.23 -6.21
N GLU A 167 1.89 -19.51 -6.83
CA GLU A 167 2.79 -20.54 -6.32
C GLU A 167 3.29 -20.27 -4.92
N LEU A 168 3.50 -19.00 -4.59
CA LEU A 168 3.95 -18.62 -3.26
C LEU A 168 2.93 -19.00 -2.19
N VAL A 169 1.65 -18.82 -2.51
CA VAL A 169 0.59 -19.28 -1.61
C VAL A 169 0.67 -20.79 -1.40
N ASP A 170 0.85 -21.52 -2.50
CA ASP A 170 0.88 -22.99 -2.44
C ASP A 170 2.16 -23.54 -1.81
N GLU A 171 3.14 -22.67 -1.57
CA GLU A 171 4.37 -23.09 -0.88
C GLU A 171 4.42 -22.62 0.57
N GLY A 172 3.37 -21.91 1.01
CA GLY A 172 3.29 -21.46 2.40
C GLY A 172 4.06 -20.19 2.73
N LEU A 173 4.66 -19.55 1.72
CA LEU A 173 5.43 -18.33 1.96
C LEU A 173 4.55 -17.11 2.22
N VAL A 174 3.35 -17.08 1.63
CA VAL A 174 2.44 -15.94 1.82
C VAL A 174 1.02 -16.46 2.01
N LYS A 175 0.22 -15.77 2.83
CA LYS A 175 -1.17 -16.21 3.07
C LYS A 175 -2.13 -15.63 2.02
N ALA A 176 -1.78 -14.47 1.47
CA ALA A 176 -2.66 -13.79 0.52
C ALA A 176 -1.79 -13.12 -0.53
N ILE A 177 -2.31 -13.01 -1.74
CA ILE A 177 -1.57 -12.29 -2.77
C ILE A 177 -2.46 -11.20 -3.34
N GLY A 178 -1.84 -10.14 -3.83
CA GLY A 178 -2.58 -9.03 -4.39
C GLY A 178 -1.76 -8.24 -5.38
N ILE A 179 -2.31 -7.09 -5.77
CA ILE A 179 -1.72 -6.22 -6.76
C ILE A 179 -1.71 -4.78 -6.25
N SER A 180 -0.97 -3.92 -6.94
CA SER A 180 -0.86 -2.52 -6.55
C SER A 180 -0.64 -1.69 -7.81
N ASN A 181 -1.36 -0.57 -7.91
CA ASN A 181 -1.25 0.31 -9.08
C ASN A 181 -1.74 -0.34 -10.37
N PHE A 182 -2.65 -1.30 -10.25
CA PHE A 182 -3.33 -1.87 -11.42
C PHE A 182 -4.59 -1.07 -11.75
N ASN A 183 -4.75 -0.73 -13.03
CA ASN A 183 -5.96 -0.05 -13.46
C ASN A 183 -7.07 -1.09 -13.62
N HIS A 184 -8.28 -0.65 -13.90
CA HIS A 184 -9.39 -1.60 -13.84
C HIS A 184 -9.33 -2.67 -14.93
N LEU A 185 -8.77 -2.32 -16.09
CA LEU A 185 -8.58 -3.28 -17.17
C LEU A 185 -7.53 -4.32 -16.81
N GLN A 186 -6.48 -3.89 -16.12
CA GLN A 186 -5.43 -4.81 -15.67
C GLN A 186 -5.95 -5.74 -14.55
N VAL A 187 -6.75 -5.20 -13.64
CA VAL A 187 -7.41 -6.05 -12.65
C VAL A 187 -8.25 -7.09 -13.39
N GLU A 188 -9.01 -6.63 -14.37
CA GLU A 188 -9.87 -7.49 -15.16
C GLU A 188 -9.11 -8.59 -15.89
N MET A 189 -7.91 -8.26 -16.36
CA MET A 189 -7.09 -9.25 -17.07
C MET A 189 -6.78 -10.42 -16.14
N ILE A 190 -6.47 -10.11 -14.88
CA ILE A 190 -6.19 -11.17 -13.93
C ILE A 190 -7.45 -11.97 -13.61
N LEU A 191 -8.56 -11.27 -13.37
CA LEU A 191 -9.80 -11.96 -13.04
C LEU A 191 -10.25 -12.89 -14.16
N ASN A 192 -9.90 -12.55 -15.39
CA ASN A 192 -10.22 -13.36 -16.55
C ASN A 192 -9.08 -14.27 -16.99
N LYS A 193 -8.03 -14.37 -16.17
CA LYS A 193 -6.90 -15.22 -16.52
C LYS A 193 -7.34 -16.67 -16.68
N PRO A 194 -6.93 -17.32 -17.79
CA PRO A 194 -7.16 -18.75 -17.99
C PRO A 194 -6.50 -19.57 -16.89
N GLY A 195 -7.29 -20.36 -16.17
CA GLY A 195 -6.75 -21.19 -15.10
C GLY A 195 -6.46 -20.44 -13.80
N LEU A 196 -7.01 -19.24 -13.67
CA LEU A 196 -6.85 -18.46 -12.43
C LEU A 196 -7.09 -19.35 -11.21
N LYS A 197 -6.14 -19.38 -10.27
CA LYS A 197 -6.27 -20.23 -9.10
C LYS A 197 -6.71 -19.44 -7.86
N TYR A 198 -6.07 -18.30 -7.60
CA TYR A 198 -6.51 -17.40 -6.53
C TYR A 198 -6.74 -15.99 -7.09
N LYS A 199 -7.87 -15.38 -6.76
CA LYS A 199 -8.08 -13.98 -7.14
C LYS A 199 -7.21 -13.08 -6.26
N PRO A 200 -6.87 -11.87 -6.74
CA PRO A 200 -6.22 -10.85 -5.90
C PRO A 200 -7.10 -10.55 -4.69
N ALA A 201 -6.52 -10.57 -3.49
CA ALA A 201 -7.23 -10.19 -2.27
C ALA A 201 -7.36 -8.68 -2.16
N VAL A 202 -6.38 -7.97 -2.73
CA VAL A 202 -6.21 -6.54 -2.52
C VAL A 202 -5.62 -5.86 -3.75
N ASN A 203 -6.09 -4.66 -4.01
CA ASN A 203 -5.43 -3.73 -4.92
C ASN A 203 -5.06 -2.49 -4.11
N GLN A 204 -3.77 -2.27 -3.89
CA GLN A 204 -3.32 -1.08 -3.18
C GLN A 204 -3.06 0.05 -4.17
N ILE A 205 -3.81 1.15 -4.04
CA ILE A 205 -3.74 2.29 -4.94
C ILE A 205 -3.67 3.62 -4.18
N GLU A 206 -3.20 4.66 -4.86
CA GLU A 206 -3.20 5.99 -4.28
C GLU A 206 -4.63 6.47 -4.14
N CYS A 207 -4.95 7.08 -3.01
CA CYS A 207 -6.33 7.54 -2.79
C CYS A 207 -6.39 8.53 -1.65
N HIS A 208 -6.98 9.69 -1.93
CA HIS A 208 -7.13 10.80 -0.97
C HIS A 208 -8.13 11.79 -1.60
N PRO A 209 -8.50 12.87 -0.89
CA PRO A 209 -9.49 13.80 -1.45
C PRO A 209 -9.14 14.42 -2.80
N TYR A 210 -7.87 14.44 -3.22
CA TYR A 210 -7.52 15.02 -4.52
C TYR A 210 -7.46 13.96 -5.61
N LEU A 211 -7.64 12.70 -5.21
CA LEU A 211 -7.63 11.57 -6.12
C LEU A 211 -8.53 10.51 -5.54
N THR A 212 -9.83 10.64 -5.79
CA THR A 212 -10.84 9.90 -5.02
C THR A 212 -11.12 8.49 -5.53
N GLN A 213 -10.85 8.24 -6.80
CA GLN A 213 -10.85 6.88 -7.33
C GLN A 213 -12.20 6.17 -7.30
N GLU A 214 -13.30 6.91 -7.43
CA GLU A 214 -14.62 6.27 -7.35
C GLU A 214 -14.80 5.08 -8.30
N LYS A 215 -14.39 5.23 -9.55
CA LYS A 215 -14.57 4.17 -10.54
C LYS A 215 -13.79 2.90 -10.19
N LEU A 216 -12.49 3.06 -9.94
CA LEU A 216 -11.64 1.90 -9.69
C LEU A 216 -12.03 1.21 -8.38
N ILE A 217 -12.34 2.00 -7.36
CA ILE A 217 -12.74 1.44 -6.08
C ILE A 217 -14.04 0.64 -6.22
N GLN A 218 -15.01 1.19 -6.95
CA GLN A 218 -16.27 0.49 -7.18
C GLN A 218 -16.07 -0.81 -7.95
N TYR A 219 -15.20 -0.78 -8.94
CA TYR A 219 -14.91 -1.98 -9.71
C TYR A 219 -14.33 -3.06 -8.82
N CYS A 220 -13.27 -2.71 -8.09
CA CYS A 220 -12.61 -3.67 -7.22
C CYS A 220 -13.56 -4.23 -6.17
N GLN A 221 -14.25 -3.36 -5.45
CA GLN A 221 -15.18 -3.83 -4.42
C GLN A 221 -16.29 -4.72 -4.99
N SER A 222 -16.75 -4.42 -6.20
CA SER A 222 -17.77 -5.23 -6.84
C SER A 222 -17.28 -6.66 -7.12
N LYS A 223 -15.96 -6.83 -7.17
CA LYS A 223 -15.37 -8.15 -7.41
C LYS A 223 -14.86 -8.81 -6.13
N GLY A 224 -15.06 -8.16 -4.99
CA GLY A 224 -14.67 -8.73 -3.70
C GLY A 224 -13.20 -8.48 -3.40
N ILE A 225 -12.60 -7.58 -4.17
CA ILE A 225 -11.21 -7.16 -3.96
C ILE A 225 -11.16 -5.95 -3.03
N VAL A 226 -10.40 -6.07 -1.96
CA VAL A 226 -10.32 -4.98 -0.98
C VAL A 226 -9.31 -3.95 -1.46
N VAL A 227 -9.64 -2.68 -1.30
CA VAL A 227 -8.73 -1.63 -1.74
C VAL A 227 -7.99 -1.04 -0.55
N THR A 228 -6.68 -0.89 -0.70
CA THR A 228 -5.87 -0.18 0.28
C THR A 228 -5.50 1.16 -0.29
N ALA A 229 -5.72 2.21 0.50
CA ALA A 229 -5.47 3.57 0.05
C ALA A 229 -4.08 3.97 0.50
N TYR A 230 -3.20 4.28 -0.46
CA TYR A 230 -1.87 4.80 -0.08
C TYR A 230 -1.74 6.29 -0.28
N SER A 231 -0.69 6.86 0.33
CA SER A 231 -0.48 8.31 0.35
C SER A 231 -1.74 9.04 0.79
N PRO A 232 -2.37 8.60 1.89
CA PRO A 232 -3.65 9.20 2.27
C PRO A 232 -3.52 10.66 2.72
N LEU A 233 -2.32 11.07 3.12
CA LEU A 233 -2.09 12.44 3.57
C LEU A 233 -1.46 13.29 2.47
N GLY A 234 -1.29 12.70 1.30
CA GLY A 234 -0.76 13.41 0.15
C GLY A 234 0.75 13.34 0.04
N SER A 235 1.35 12.46 0.85
CA SER A 235 2.79 12.23 0.79
C SER A 235 3.59 13.53 0.76
N PRO A 236 3.40 14.39 1.77
CA PRO A 236 4.14 15.67 1.76
C PRO A 236 5.66 15.50 1.72
N ASP A 237 6.17 14.33 2.11
CA ASP A 237 7.62 14.07 2.03
C ASP A 237 8.11 13.41 0.73
N ARG A 238 7.22 13.21 -0.25
CA ARG A 238 7.66 12.69 -1.56
C ARG A 238 8.84 13.52 -2.04
N PRO A 239 9.86 12.84 -2.60
CA PRO A 239 11.09 13.53 -3.03
C PRO A 239 10.84 14.60 -4.11
N TRP A 240 9.82 14.43 -4.93
CA TRP A 240 9.62 15.29 -6.09
C TRP A 240 8.61 16.41 -5.84
N ALA A 241 8.23 16.63 -4.58
CA ALA A 241 7.27 17.65 -4.25
C ALA A 241 7.72 19.05 -4.70
N LYS A 242 6.75 19.86 -5.12
CA LYS A 242 6.99 21.25 -5.50
C LYS A 242 5.99 22.15 -4.78
N PRO A 243 6.39 23.41 -4.51
CA PRO A 243 5.58 24.41 -3.79
C PRO A 243 4.18 24.59 -4.38
N GLU A 244 4.07 24.60 -5.71
CA GLU A 244 2.80 24.87 -6.39
CA GLU A 244 2.81 24.87 -6.38
C GLU A 244 1.81 23.71 -6.28
N ASP A 245 2.26 22.56 -5.77
CA ASP A 245 1.39 21.40 -5.63
C ASP A 245 0.31 21.66 -4.59
N PRO A 246 -0.90 21.12 -4.82
CA PRO A 246 -1.89 21.28 -3.77
C PRO A 246 -1.44 20.55 -2.51
N SER A 247 -2.00 20.90 -1.37
CA SER A 247 -1.58 20.32 -0.10
C SER A 247 -2.77 19.97 0.78
N LEU A 248 -3.11 18.70 0.84
CA LEU A 248 -4.20 18.21 1.65
C LEU A 248 -4.12 18.70 3.09
N LEU A 249 -2.95 18.53 3.70
CA LEU A 249 -2.80 18.84 5.12
C LEU A 249 -3.00 20.33 5.42
N GLU A 250 -2.86 21.16 4.40
CA GLU A 250 -3.01 22.59 4.58
C GLU A 250 -4.27 23.17 3.93
N ASP A 251 -5.11 22.29 3.38
CA ASP A 251 -6.36 22.69 2.75
C ASP A 251 -7.33 23.19 3.81
N PRO A 252 -7.65 24.50 3.80
CA PRO A 252 -8.50 25.05 4.85
C PRO A 252 -9.88 24.39 4.90
N ARG A 253 -10.35 23.92 3.76
CA ARG A 253 -11.64 23.22 3.68
C ARG A 253 -11.61 21.92 4.48
N ILE A 254 -10.47 21.25 4.48
CA ILE A 254 -10.32 19.99 5.24
C ILE A 254 -10.07 20.28 6.73
N LYS A 255 -9.25 21.28 7.00
CA LYS A 255 -9.01 21.74 8.37
C LYS A 255 -10.32 22.18 9.05
N ALA A 256 -11.22 22.78 8.28
CA ALA A 256 -12.55 23.13 8.78
C ALA A 256 -13.33 21.90 9.27
N ILE A 257 -13.35 20.84 8.46
CA ILE A 257 -14.06 19.61 8.83
C ILE A 257 -13.41 18.99 10.06
N ALA A 258 -12.08 19.02 10.11
CA ALA A 258 -11.32 18.53 11.26
C ALA A 258 -11.69 19.28 12.53
N ALA A 259 -11.68 20.60 12.42
CA ALA A 259 -11.99 21.49 13.54
C ALA A 259 -13.38 21.17 14.10
N LYS A 260 -14.35 21.06 13.20
CA LYS A 260 -15.72 20.77 13.58
C LYS A 260 -15.80 19.52 14.45
N HIS A 261 -14.98 18.53 14.14
CA HIS A 261 -14.97 17.26 14.85
C HIS A 261 -13.95 17.20 15.99
N ASN A 262 -13.30 18.32 16.28
CA ASN A 262 -12.24 18.38 17.28
CA ASN A 262 -12.24 18.36 17.29
C ASN A 262 -11.14 17.33 17.02
N LYS A 263 -10.82 17.11 15.75
CA LYS A 263 -9.72 16.19 15.39
C LYS A 263 -8.67 16.93 14.54
N THR A 264 -7.53 16.29 14.29
CA THR A 264 -6.53 16.88 13.41
C THR A 264 -6.87 16.65 11.94
N THR A 265 -6.28 17.45 11.07
CA THR A 265 -6.52 17.28 9.65
C THR A 265 -6.11 15.88 9.21
N ALA A 266 -4.98 15.39 9.74
CA ALA A 266 -4.52 14.05 9.38
C ALA A 266 -5.53 12.97 9.79
N GLN A 267 -6.13 13.14 10.97
CA GLN A 267 -7.09 12.16 11.46
C GLN A 267 -8.31 12.09 10.57
N VAL A 268 -8.73 13.24 10.06
CA VAL A 268 -9.84 13.28 9.10
C VAL A 268 -9.45 12.57 7.80
N LEU A 269 -8.23 12.82 7.34
CA LEU A 269 -7.73 12.21 6.10
C LEU A 269 -7.58 10.70 6.21
N ILE A 270 -7.38 10.22 7.43
CA ILE A 270 -7.25 8.79 7.70
C ILE A 270 -8.64 8.15 7.88
N ARG A 271 -9.50 8.85 8.60
CA ARG A 271 -10.87 8.38 8.80
C ARG A 271 -11.67 8.32 7.49
N PHE A 272 -11.37 9.25 6.58
CA PHE A 272 -12.05 9.35 5.27
C PHE A 272 -12.08 8.01 4.51
N PRO A 273 -10.91 7.42 4.21
CA PRO A 273 -10.94 6.13 3.49
C PRO A 273 -11.57 4.98 4.30
N MET A 274 -11.38 5.01 5.61
CA MET A 274 -11.95 3.96 6.45
C MET A 274 -13.47 3.84 6.27
N GLN A 275 -14.14 4.98 6.13
CA GLN A 275 -15.59 5.00 5.98
C GLN A 275 -16.04 4.62 4.57
N ARG A 276 -15.07 4.44 3.67
CA ARG A 276 -15.37 3.95 2.32
C ARG A 276 -15.06 2.46 2.19
N ASN A 277 -14.84 1.80 3.31
CA ASN A 277 -14.45 0.39 3.36
C ASN A 277 -13.07 0.14 2.77
N LEU A 278 -12.22 1.16 2.86
CA LEU A 278 -10.84 1.01 2.40
C LEU A 278 -9.92 0.71 3.59
N VAL A 279 -8.81 0.05 3.32
CA VAL A 279 -7.70 -0.03 4.25
C VAL A 279 -6.84 1.21 3.98
N VAL A 280 -6.17 1.75 4.99
CA VAL A 280 -5.41 2.98 4.80
C VAL A 280 -4.09 2.85 5.56
N ILE A 281 -3.01 3.37 4.99
CA ILE A 281 -1.67 3.11 5.55
C ILE A 281 -0.80 4.37 5.66
N PRO A 282 -1.20 5.33 6.50
CA PRO A 282 -0.41 6.56 6.70
C PRO A 282 0.98 6.22 7.20
N LYS A 283 1.97 6.97 6.71
CA LYS A 283 3.35 6.76 7.11
C LYS A 283 3.77 7.87 8.06
N SER A 284 4.49 7.48 9.12
CA SER A 284 5.16 8.47 9.97
C SER A 284 6.32 7.81 10.73
N VAL A 285 7.38 8.58 10.97
CA VAL A 285 8.45 8.14 11.87
C VAL A 285 8.44 8.99 13.14
N THR A 286 7.43 9.84 13.27
CA THR A 286 7.27 10.71 14.45
C THR A 286 6.39 10.04 15.50
N PRO A 287 6.95 9.72 16.68
CA PRO A 287 6.19 8.94 17.67
C PRO A 287 4.82 9.56 17.99
N GLU A 288 4.79 10.88 18.12
CA GLU A 288 3.55 11.58 18.46
C GLU A 288 2.49 11.47 17.35
N ARG A 289 2.93 11.56 16.10
CA ARG A 289 2.01 11.39 14.97
C ARG A 289 1.59 9.92 14.79
N ILE A 290 2.52 9.01 15.07
CA ILE A 290 2.19 7.59 14.97
C ILE A 290 1.00 7.27 15.89
N ALA A 291 1.08 7.77 17.12
CA ALA A 291 -0.02 7.59 18.07
C ALA A 291 -1.29 8.34 17.67
N GLU A 292 -1.15 9.60 17.31
CA GLU A 292 -2.29 10.43 16.88
C GLU A 292 -3.05 9.79 15.72
N ASN A 293 -2.29 9.36 14.71
CA ASN A 293 -2.85 8.78 13.51
C ASN A 293 -3.69 7.53 13.75
N PHE A 294 -3.42 6.84 14.85
CA PHE A 294 -4.19 5.64 15.19
C PHE A 294 -5.49 5.98 15.94
N LYS A 295 -5.58 7.19 16.47
CA LYS A 295 -6.75 7.59 17.25
C LYS A 295 -7.86 8.10 16.36
N VAL A 296 -8.42 7.19 15.55
CA VAL A 296 -9.40 7.56 14.53
C VAL A 296 -10.62 6.64 14.59
N PHE A 297 -10.69 5.82 15.64
CA PHE A 297 -11.82 4.92 15.83
C PHE A 297 -12.83 5.50 16.84
N ASP A 298 -12.69 6.79 17.15
CA ASP A 298 -13.53 7.38 18.19
C ASP A 298 -14.48 8.48 17.67
N PHE A 299 -14.52 8.65 16.34
CA PHE A 299 -15.37 9.68 15.75
C PHE A 299 -15.88 9.27 14.38
N GLU A 300 -16.95 9.91 13.93
CA GLU A 300 -17.55 9.58 12.63
C GLU A 300 -17.75 10.81 11.74
N LEU A 301 -17.26 10.75 10.50
CA LEU A 301 -17.59 11.74 9.47
C LEU A 301 -19.04 11.52 9.00
N SER A 302 -19.79 12.60 8.82
CA SER A 302 -21.17 12.48 8.34
C SER A 302 -21.18 12.11 6.86
N SER A 303 -22.33 11.63 6.37
CA SER A 303 -22.47 11.38 4.94
C SER A 303 -22.17 12.65 4.16
N GLN A 304 -22.53 13.79 4.74
CA GLN A 304 -22.30 15.10 4.12
C GLN A 304 -20.80 15.43 4.11
N ASP A 305 -20.12 15.17 5.22
CA ASP A 305 -18.67 15.35 5.30
C ASP A 305 -18.02 14.52 4.20
N MET A 306 -18.42 13.26 4.11
CA MET A 306 -17.85 12.33 3.14
C MET A 306 -18.01 12.81 1.71
N THR A 307 -19.23 13.24 1.38
CA THR A 307 -19.51 13.73 0.03
C THR A 307 -18.74 15.02 -0.25
N THR A 308 -18.59 15.85 0.77
CA THR A 308 -17.82 17.09 0.63
C THR A 308 -16.32 16.81 0.38
N LEU A 309 -15.76 15.86 1.13
CA LEU A 309 -14.36 15.49 0.90
C LEU A 309 -14.17 14.93 -0.50
N LEU A 310 -15.11 14.08 -0.92
CA LEU A 310 -15.07 13.50 -2.26
C LEU A 310 -15.10 14.59 -3.33
N SER A 311 -15.72 15.72 -3.03
CA SER A 311 -15.91 16.77 -4.03
C SER A 311 -14.62 17.49 -4.36
N TYR A 312 -13.59 17.25 -3.56
CA TYR A 312 -12.30 17.89 -3.75
C TYR A 312 -11.42 17.19 -4.78
N ASN A 313 -11.92 16.10 -5.35
CA ASN A 313 -11.15 15.39 -6.37
C ASN A 313 -10.68 16.26 -7.53
N ARG A 314 -9.42 16.11 -7.89
CA ARG A 314 -8.87 16.81 -9.05
C ARG A 314 -7.96 15.90 -9.86
N ASN A 315 -8.08 14.60 -9.61
CA ASN A 315 -7.30 13.60 -10.33
C ASN A 315 -5.81 13.88 -10.25
N TRP A 316 -5.37 14.30 -9.06
CA TRP A 316 -3.99 14.68 -8.84
C TRP A 316 -3.17 13.54 -8.21
N ARG A 317 -2.13 13.08 -8.91
CA ARG A 317 -1.31 11.95 -8.47
C ARG A 317 0.05 12.30 -7.87
N VAL A 318 0.29 11.79 -6.67
CA VAL A 318 1.61 11.82 -6.04
C VAL A 318 2.53 10.87 -6.79
N CYS A 319 2.03 9.69 -7.10
CA CYS A 319 2.86 8.63 -7.67
C CYS A 319 2.40 8.32 -9.08
N ALA A 320 3.01 8.97 -10.04
CA ALA A 320 2.58 8.84 -11.43
C ALA A 320 3.54 7.97 -12.25
N LEU A 321 4.66 7.58 -11.62
CA LEU A 321 5.70 6.78 -12.28
C LEU A 321 6.02 7.35 -13.66
N LEU A 322 6.33 8.64 -13.69
CA LEU A 322 6.55 9.35 -14.95
C LEU A 322 7.67 8.76 -15.82
N SER A 323 8.59 8.01 -15.20
CA SER A 323 9.69 7.38 -15.92
C SER A 323 9.28 6.20 -16.79
N CYS A 324 8.04 5.73 -16.61
CA CYS A 324 7.61 4.49 -17.27
C CYS A 324 6.35 4.68 -18.11
N THR A 325 6.11 5.90 -18.58
CA THR A 325 4.91 6.21 -19.36
C THR A 325 4.84 5.51 -20.73
N SER A 326 5.97 4.99 -21.20
CA SER A 326 5.97 4.25 -22.45
C SER A 326 5.90 2.74 -22.29
N HIS A 327 6.01 2.27 -21.05
CA HIS A 327 5.99 0.84 -20.78
C HIS A 327 4.62 0.32 -21.21
N LYS A 328 4.56 -0.84 -21.86
CA LYS A 328 3.30 -1.36 -22.37
CA LYS A 328 3.28 -1.33 -22.38
C LYS A 328 2.25 -1.44 -21.26
N ASP A 329 2.72 -1.74 -20.06
CA ASP A 329 1.81 -1.95 -18.95
C ASP A 329 1.68 -0.75 -18.01
N TYR A 330 2.14 0.42 -18.47
CA TYR A 330 1.98 1.63 -17.68
C TYR A 330 0.49 1.78 -17.33
N PRO A 331 0.18 1.99 -16.04
CA PRO A 331 -1.23 1.83 -15.66
C PRO A 331 -2.11 3.08 -15.78
N PHE A 332 -1.52 4.25 -15.96
CA PHE A 332 -2.31 5.48 -15.80
C PHE A 332 -2.62 6.25 -17.10
N HIS A 333 -2.59 5.57 -18.24
CA HIS A 333 -3.11 6.15 -19.49
C HIS A 333 -4.64 6.06 -19.45
N GLU A 334 -5.14 4.92 -18.99
CA GLU A 334 -6.57 4.66 -18.88
C GLU A 334 -7.20 5.63 -17.90
N GLU A 335 -8.49 5.88 -18.09
CA GLU A 335 -9.21 6.75 -17.17
C GLU A 335 -9.18 6.20 -15.75
N PHE A 336 -9.37 4.89 -15.61
CA PHE A 336 -9.28 4.26 -14.32
C PHE A 336 -8.94 2.77 -14.44
PA NAP B . 1.55 9.74 3.45
O1A NAP B . 0.36 10.36 2.78
O2A NAP B . 1.34 8.63 4.45
O5B NAP B . 2.36 10.97 4.14
C5B NAP B . 3.60 10.74 4.83
C4B NAP B . 4.07 12.12 5.31
O4B NAP B . 3.06 12.69 6.15
C3B NAP B . 5.35 12.09 6.12
O3B NAP B . 6.09 13.25 5.76
C2B NAP B . 4.88 12.25 7.56
O2B NAP B . 5.87 12.91 8.36
C1B NAP B . 3.64 13.10 7.38
N9A NAP B . 2.68 12.87 8.48
C8A NAP B . 2.31 11.68 8.97
N7A NAP B . 1.41 11.88 9.96
C5A NAP B . 1.22 13.21 10.10
C6A NAP B . 0.43 13.98 10.93
N6A NAP B . -0.36 13.41 11.87
N1A NAP B . 0.47 15.33 10.82
C2A NAP B . 1.26 15.92 9.90
N3A NAP B . 2.03 15.19 9.08
C4A NAP B . 2.02 13.83 9.15
O3 NAP B . 2.63 9.38 2.29
PN NAP B . 3.25 8.00 1.75
O1N NAP B . 4.48 7.61 2.55
O2N NAP B . 3.44 8.21 0.27
O5D NAP B . 2.07 6.90 1.85
C5D NAP B . 1.89 6.04 2.97
C4D NAP B . 2.41 4.63 2.66
O4D NAP B . 1.72 4.02 1.56
C3D NAP B . 3.86 4.61 2.22
O3D NAP B . 4.79 4.81 3.29
C2D NAP B . 3.92 3.21 1.63
O2D NAP B . 3.94 2.24 2.68
C1D NAP B . 2.60 3.11 0.88
N1N NAP B . 2.75 3.50 -0.53
C2N NAP B . 2.66 2.56 -1.50
C3N NAP B . 2.80 2.90 -2.85
C7N NAP B . 2.67 1.85 -3.92
O7N NAP B . 3.16 2.04 -5.03
N7N NAP B . 2.01 0.73 -3.66
C4N NAP B . 3.06 4.21 -3.21
C5N NAP B . 3.16 5.18 -2.20
C6N NAP B . 2.99 4.77 -0.87
P2B NAP B . 6.80 12.16 9.45
O1X NAP B . 7.08 10.80 8.88
O2X NAP B . 8.03 13.04 9.46
O3X NAP B . 6.01 12.16 10.74
F SLO C . 11.46 3.35 -2.92
S SLO C . 14.07 7.32 -11.01
C1 SLO C . 7.48 5.12 -5.20
O1 SLO C . 5.97 2.69 -3.19
C2 SLO C . 8.65 5.85 -7.03
O2 SLO C . 6.45 2.67 -5.43
C3 SLO C . 7.33 5.73 -6.39
O3 SLO C . 14.28 8.76 -11.02
C4 SLO C . 8.90 4.80 -5.01
O4 SLO C . 15.07 6.41 -10.44
C5 SLO C . 9.64 5.25 -6.12
C6 SLO C . 6.52 4.72 -4.14
C7 SLO C . 8.86 6.41 -8.23
C8 SLO C . 9.49 4.15 -3.94
C9 SLO C . 11.01 5.05 -6.15
C10 SLO C . 6.09 6.24 -7.04
C11 SLO C . 10.13 6.61 -8.94
C12 SLO C . 10.87 3.97 -3.96
C13 SLO C . 11.62 4.41 -5.07
C14 SLO C . 10.26 6.23 -10.26
C15 SLO C . 11.17 7.23 -8.25
C16 SLO C . 12.54 7.04 -10.21
C17 SLO C . 6.32 3.25 -4.36
C18 SLO C . 11.49 6.44 -10.91
C19 SLO C . 12.39 7.44 -8.89
C20 SLO C . 13.78 6.75 -12.68
#